data_2G29
#
_entry.id   2G29
#
_cell.length_a   55.959
_cell.length_b   53.800
_cell.length_c   65.877
_cell.angle_alpha   90.00
_cell.angle_beta   107.67
_cell.angle_gamma   90.00
#
_symmetry.space_group_name_H-M   'P 1 21 1'
#
loop_
_entity.id
_entity.type
_entity.pdbx_description
1 polymer 'Nitrate transport protein nrtA'
2 non-polymer 'NITRATE ION'
3 water water
#
_entity_poly.entity_id   1
_entity_poly.type   'polypeptide(L)'
_entity_poly.pdbx_seq_one_letter_code
;TSPTTTSTGTGTGSSTDQAISPLVEGENAPEVTTAKLGFIALTDAAPLIIAKEKGFYAKYGMPDVEVLKQASWGTTRDNL
VLGSASGGIDGAHILTPMPYLITMGTVTDGKPTPMYILARLNVNGQGIQLGNNYKDLKVGTDAAPLKEAFAKVTDPKVAM
TFPGGTHDMWIRYWLAAGGMEPGKDFSTIVVPPAQMVANVKVNAMESFCVGEPWPLQTVNQGVGYQALTTGQLWKDHPEK
AFGMRADWVDQNPKAAKALLMAVMEAQQWCDQAENKEEMCQILSKREWFKVPFEDIIDRSKGIYNFGNGQETFEDQEIMQ
KYWVDNASYPYKSHDQWFLTENIRWGYLPASTDTKAIVDKVNREDLWREAAQALEVPADQIPSSPSRGIETFFDGITFDP
ENPQAYLDSLKIKSIKA
;
_entity_poly.pdbx_strand_id   A
#
loop_
_chem_comp.id
_chem_comp.type
_chem_comp.name
_chem_comp.formula
NO3 non-polymer 'NITRATE ION' 'N O3 -1'
#
# COMPACT_ATOMS: atom_id res chain seq x y z
N ASN A 28 -19.17 18.49 15.12
CA ASN A 28 -20.25 19.28 14.45
C ASN A 28 -20.10 19.21 12.92
N ALA A 29 -20.64 20.21 12.24
CA ALA A 29 -20.61 20.26 10.78
C ALA A 29 -19.25 20.55 10.20
N PRO A 30 -18.92 19.89 9.08
CA PRO A 30 -17.61 20.14 8.48
C PRO A 30 -17.44 21.61 8.13
N GLU A 31 -16.22 22.12 8.28
CA GLU A 31 -15.88 23.51 7.97
C GLU A 31 -15.94 23.75 6.44
N VAL A 32 -15.68 22.68 5.69
CA VAL A 32 -15.71 22.73 4.24
C VAL A 32 -16.42 21.48 3.78
N THR A 33 -17.04 21.55 2.61
CA THR A 33 -17.79 20.44 2.06
C THR A 33 -17.07 19.72 0.93
N THR A 34 -15.84 20.14 0.67
CA THR A 34 -15.04 19.51 -0.37
C THR A 34 -13.63 19.22 0.12
N ALA A 35 -12.96 18.31 -0.59
CA ALA A 35 -11.56 17.95 -0.32
C ALA A 35 -11.14 17.30 -1.62
N LYS A 36 -9.85 17.40 -1.96
CA LYS A 36 -9.34 16.78 -3.18
C LYS A 36 -8.48 15.61 -2.71
N LEU A 37 -8.94 14.39 -2.99
CA LEU A 37 -8.24 13.17 -2.57
C LEU A 37 -7.71 12.39 -3.73
N GLY A 38 -6.39 12.22 -3.75
CA GLY A 38 -5.83 11.45 -4.86
C GLY A 38 -5.86 9.96 -4.65
N PHE A 39 -5.86 9.20 -5.76
CA PHE A 39 -5.71 7.74 -5.67
C PHE A 39 -4.94 7.27 -6.89
N ILE A 40 -4.32 6.10 -6.77
CA ILE A 40 -3.63 5.46 -7.87
C ILE A 40 -4.55 4.26 -8.22
N ALA A 41 -4.64 3.92 -9.50
CA ALA A 41 -5.56 2.86 -9.95
C ALA A 41 -5.13 1.49 -9.47
N LEU A 42 -5.60 1.18 -8.26
CA LEU A 42 -5.31 -0.04 -7.52
C LEU A 42 -6.54 -0.43 -6.71
N THR A 43 -6.80 -1.72 -6.57
CA THR A 43 -7.95 -2.19 -5.82
C THR A 43 -7.98 -1.64 -4.40
N ASP A 44 -6.82 -1.44 -3.78
CA ASP A 44 -6.82 -0.93 -2.42
C ASP A 44 -7.19 0.57 -2.28
N ALA A 45 -7.52 1.21 -3.39
CA ALA A 45 -8.05 2.57 -3.37
C ALA A 45 -9.58 2.47 -3.25
N ALA A 46 -10.12 1.24 -3.33
CA ALA A 46 -11.58 1.07 -3.31
C ALA A 46 -12.35 1.86 -2.25
N PRO A 47 -11.88 1.86 -1.01
CA PRO A 47 -12.62 2.61 0.02
C PRO A 47 -12.82 4.09 -0.35
N LEU A 48 -11.83 4.74 -0.94
CA LEU A 48 -11.98 6.14 -1.28
C LEU A 48 -12.97 6.36 -2.44
N ILE A 49 -12.98 5.42 -3.38
CA ILE A 49 -13.85 5.48 -4.56
C ILE A 49 -15.28 5.14 -4.16
N ILE A 50 -15.44 4.06 -3.40
CA ILE A 50 -16.78 3.63 -2.92
C ILE A 50 -17.36 4.72 -2.02
N ALA A 51 -16.54 5.41 -1.25
CA ALA A 51 -17.10 6.47 -0.40
C ALA A 51 -17.81 7.52 -1.28
N LYS A 52 -17.32 7.73 -2.49
CA LYS A 52 -17.97 8.68 -3.41
C LYS A 52 -19.17 7.97 -4.09
N GLU A 53 -18.91 6.85 -4.75
CA GLU A 53 -19.97 6.15 -5.48
C GLU A 53 -21.19 5.71 -4.68
N LYS A 54 -20.98 5.33 -3.41
CA LYS A 54 -22.09 4.86 -2.59
C LYS A 54 -22.60 5.92 -1.63
N GLY A 55 -22.16 7.16 -1.87
CA GLY A 55 -22.60 8.32 -1.10
C GLY A 55 -22.15 8.46 0.35
N PHE A 56 -21.09 7.78 0.74
CA PHE A 56 -20.65 7.91 2.13
C PHE A 56 -20.12 9.32 2.46
N TYR A 57 -19.39 9.97 1.54
CA TYR A 57 -18.94 11.33 1.85
C TYR A 57 -20.12 12.26 2.06
N ALA A 58 -21.12 12.12 1.21
CA ALA A 58 -22.29 12.98 1.31
C ALA A 58 -23.05 12.73 2.60
N LYS A 59 -23.11 11.46 3.01
CA LYS A 59 -23.77 11.11 4.25
C LYS A 59 -23.14 11.90 5.42
N TYR A 60 -21.84 12.17 5.36
CA TYR A 60 -21.18 12.95 6.40
C TYR A 60 -20.95 14.44 6.09
N GLY A 61 -21.86 15.05 5.32
CA GLY A 61 -21.80 16.46 5.05
C GLY A 61 -20.78 17.02 4.09
N MET A 62 -20.19 16.15 3.28
CA MET A 62 -19.20 16.56 2.33
C MET A 62 -19.54 15.94 0.99
N PRO A 63 -20.62 16.42 0.37
CA PRO A 63 -20.99 15.85 -0.91
C PRO A 63 -20.18 16.37 -2.10
N ASP A 64 -19.20 17.24 -1.86
CA ASP A 64 -18.41 17.80 -2.97
C ASP A 64 -16.96 17.29 -3.06
N VAL A 65 -16.69 16.20 -2.36
CA VAL A 65 -15.34 15.61 -2.37
C VAL A 65 -14.97 15.12 -3.76
N GLU A 66 -13.74 15.42 -4.20
CA GLU A 66 -13.26 14.95 -5.51
C GLU A 66 -12.27 13.82 -5.26
N VAL A 67 -12.46 12.71 -5.97
CA VAL A 67 -11.57 11.55 -5.85
C VAL A 67 -10.86 11.53 -7.21
N LEU A 68 -9.60 11.97 -7.18
CA LEU A 68 -8.82 12.22 -8.39
C LEU A 68 -7.65 11.31 -8.69
N LYS A 69 -7.72 10.64 -9.82
CA LYS A 69 -6.69 9.70 -10.21
C LYS A 69 -5.35 10.40 -10.46
N GLN A 70 -4.30 9.84 -9.85
CA GLN A 70 -2.91 10.33 -10.00
C GLN A 70 -2.20 9.40 -10.96
N ALA A 71 -1.23 9.93 -11.72
CA ALA A 71 -0.51 9.10 -12.69
C ALA A 71 0.53 8.19 -12.05
N SER A 72 1.17 8.67 -10.98
CA SER A 72 2.20 7.86 -10.32
C SER A 72 2.37 8.30 -8.88
N TRP A 73 3.20 7.57 -8.13
CA TRP A 73 3.42 7.97 -6.76
C TRP A 73 4.24 9.27 -6.75
N GLY A 74 5.03 9.47 -7.80
CA GLY A 74 5.79 10.70 -7.90
C GLY A 74 4.86 11.89 -8.12
N THR A 75 3.83 11.74 -8.95
CA THR A 75 2.93 12.87 -9.14
C THR A 75 2.02 13.05 -7.94
N THR A 76 1.68 11.97 -7.27
CA THR A 76 0.91 12.07 -6.02
C THR A 76 1.69 12.94 -5.03
N ARG A 77 2.99 12.64 -4.86
CA ARG A 77 3.87 13.39 -3.98
C ARG A 77 3.89 14.85 -4.45
N ASP A 78 4.00 15.06 -5.75
CA ASP A 78 4.02 16.45 -6.26
C ASP A 78 2.75 17.21 -5.89
N ASN A 79 1.61 16.57 -6.08
CA ASN A 79 0.34 17.24 -5.78
C ASN A 79 0.12 17.45 -4.29
N LEU A 80 0.65 16.58 -3.45
CA LEU A 80 0.53 16.77 -2.00
C LEU A 80 1.44 17.92 -1.56
N VAL A 81 2.64 18.02 -2.15
CA VAL A 81 3.55 19.12 -1.80
C VAL A 81 2.88 20.46 -2.22
N LEU A 82 2.19 20.45 -3.36
CA LEU A 82 1.49 21.65 -3.78
C LEU A 82 0.32 22.06 -2.86
N GLY A 83 -0.55 21.09 -2.53
CA GLY A 83 -1.72 21.38 -1.71
C GLY A 83 -2.82 21.86 -2.64
N SER A 84 -4.06 21.77 -2.18
CA SER A 84 -5.17 22.20 -3.03
C SER A 84 -5.16 23.68 -3.40
N ALA A 85 -4.68 24.54 -2.52
CA ALA A 85 -4.67 25.97 -2.79
C ALA A 85 -3.79 26.32 -4.00
N SER A 86 -2.82 25.48 -4.29
CA SER A 86 -1.95 25.74 -5.43
C SER A 86 -2.20 24.76 -6.59
N GLY A 87 -3.37 24.13 -6.57
CA GLY A 87 -3.77 23.23 -7.65
C GLY A 87 -3.50 21.75 -7.50
N GLY A 88 -3.05 21.36 -6.31
CA GLY A 88 -2.75 19.96 -6.01
C GLY A 88 -3.86 19.29 -5.23
N ILE A 89 -3.48 18.44 -4.28
CA ILE A 89 -4.47 17.68 -3.50
C ILE A 89 -4.27 17.85 -2.00
N ASP A 90 -5.31 17.56 -1.23
CA ASP A 90 -5.31 17.65 0.22
C ASP A 90 -4.91 16.36 0.93
N GLY A 91 -5.14 15.23 0.26
CA GLY A 91 -4.82 13.96 0.86
C GLY A 91 -4.84 12.90 -0.22
N ALA A 92 -4.59 11.65 0.16
CA ALA A 92 -4.52 10.58 -0.84
C ALA A 92 -4.55 9.19 -0.26
N HIS A 93 -4.93 8.25 -1.12
CA HIS A 93 -4.77 6.81 -0.90
C HIS A 93 -3.26 6.82 -1.20
N ILE A 94 -2.45 6.31 -0.26
CA ILE A 94 -1.00 6.43 -0.39
C ILE A 94 -0.21 5.30 0.25
N LEU A 95 0.99 5.06 -0.27
CA LEU A 95 1.85 4.03 0.34
C LEU A 95 2.16 4.51 1.77
N THR A 96 2.09 3.63 2.77
CA THR A 96 2.34 4.06 4.16
C THR A 96 3.65 4.86 4.41
N PRO A 97 4.78 4.49 3.79
CA PRO A 97 5.98 5.29 4.08
C PRO A 97 5.92 6.70 3.56
N MET A 98 5.11 6.94 2.53
CA MET A 98 5.13 8.28 1.94
C MET A 98 4.78 9.47 2.83
N PRO A 99 3.76 9.38 3.68
CA PRO A 99 3.49 10.56 4.52
C PRO A 99 4.70 10.89 5.39
N TYR A 100 5.50 9.87 5.76
CA TYR A 100 6.69 10.08 6.56
C TYR A 100 7.81 10.72 5.73
N LEU A 101 8.05 10.18 4.54
CA LEU A 101 9.12 10.72 3.70
C LEU A 101 8.81 12.16 3.25
N ILE A 102 7.54 12.46 3.06
CA ILE A 102 7.14 13.81 2.66
C ILE A 102 7.20 14.77 3.86
N THR A 103 6.76 14.35 5.03
CA THR A 103 6.82 15.19 6.23
C THR A 103 8.29 15.48 6.56
N MET A 104 9.11 14.44 6.53
CA MET A 104 10.54 14.62 6.87
C MET A 104 11.24 15.44 5.81
N GLY A 105 10.91 15.14 4.54
CA GLY A 105 11.45 15.93 3.45
C GLY A 105 12.33 15.18 2.46
N THR A 106 12.70 13.95 2.77
CA THR A 106 13.62 13.21 1.91
C THR A 106 13.23 13.09 0.45
N VAL A 107 11.92 13.01 0.16
CA VAL A 107 11.46 12.86 -1.22
C VAL A 107 10.82 14.13 -1.73
N THR A 108 11.25 15.27 -1.19
CA THR A 108 10.67 16.54 -1.62
C THR A 108 11.61 17.57 -2.19
N ASP A 109 12.90 17.30 -2.16
CA ASP A 109 13.81 18.31 -2.70
C ASP A 109 13.58 19.70 -2.04
N GLY A 110 13.81 19.73 -0.75
CA GLY A 110 13.70 20.96 0.02
C GLY A 110 12.35 21.50 0.39
N LYS A 111 11.31 20.67 0.31
CA LYS A 111 9.97 21.10 0.64
C LYS A 111 9.23 20.14 1.58
N PRO A 112 9.80 19.91 2.77
CA PRO A 112 9.12 19.00 3.72
C PRO A 112 7.72 19.58 3.95
N THR A 113 6.71 18.70 3.88
CA THR A 113 5.29 19.12 3.97
C THR A 113 4.68 18.16 5.00
N PRO A 114 4.22 18.70 6.12
CA PRO A 114 3.67 17.77 7.13
C PRO A 114 2.38 17.09 6.78
N MET A 115 2.33 15.80 7.13
CA MET A 115 1.15 14.98 6.84
C MET A 115 0.75 14.15 8.05
N TYR A 116 -0.48 13.63 8.00
CA TYR A 116 -0.97 12.72 9.02
C TYR A 116 -1.48 11.44 8.34
N ILE A 117 -1.45 10.34 9.08
CA ILE A 117 -2.09 9.12 8.60
C ILE A 117 -3.33 8.99 9.51
N LEU A 118 -4.49 8.98 8.86
CA LEU A 118 -5.78 8.90 9.57
C LEU A 118 -6.30 7.48 9.69
N ALA A 119 -5.90 6.61 8.77
CA ALA A 119 -6.32 5.22 8.80
C ALA A 119 -5.41 4.40 7.90
N ARG A 120 -5.47 3.10 8.06
CA ARG A 120 -4.76 2.20 7.15
C ARG A 120 -5.89 1.83 6.19
N LEU A 121 -5.70 2.02 4.88
CA LEU A 121 -6.76 1.66 3.93
C LEU A 121 -6.91 0.13 3.79
N ASN A 122 -5.81 -0.62 3.86
CA ASN A 122 -5.86 -2.06 3.69
C ASN A 122 -4.63 -2.76 4.20
N VAL A 123 -4.77 -4.06 4.39
CA VAL A 123 -3.62 -4.95 4.64
C VAL A 123 -3.62 -5.92 3.43
N ASN A 124 -2.46 -6.53 3.18
CA ASN A 124 -2.27 -7.55 2.14
C ASN A 124 -2.51 -7.12 0.70
N GLY A 125 -2.36 -8.09 -0.21
CA GLY A 125 -2.82 -7.85 -1.56
C GLY A 125 -1.97 -7.24 -2.61
N GLN A 126 -0.66 -7.34 -2.48
CA GLN A 126 0.21 -6.83 -3.52
C GLN A 126 0.84 -8.09 -4.12
N GLY A 127 1.58 -7.96 -5.20
CA GLY A 127 2.15 -9.15 -5.79
C GLY A 127 3.56 -8.96 -6.32
N ILE A 128 4.34 -10.03 -6.29
CA ILE A 128 5.69 -10.01 -6.87
C ILE A 128 5.62 -10.93 -8.09
N GLN A 129 5.94 -10.37 -9.24
CA GLN A 129 5.89 -11.07 -10.50
C GLN A 129 7.26 -11.22 -11.13
N LEU A 130 7.36 -12.18 -12.02
CA LEU A 130 8.60 -12.44 -12.77
C LEU A 130 8.27 -12.50 -14.27
N GLY A 131 9.21 -12.08 -15.10
CA GLY A 131 8.98 -12.20 -16.52
C GLY A 131 8.97 -13.67 -16.96
N ASN A 132 8.46 -13.93 -18.17
CA ASN A 132 8.38 -15.29 -18.67
C ASN A 132 9.71 -15.99 -18.79
N ASN A 133 10.80 -15.24 -18.85
CA ASN A 133 12.12 -15.88 -18.94
C ASN A 133 12.46 -16.69 -17.69
N TYR A 134 11.63 -16.57 -16.64
CA TYR A 134 11.91 -17.28 -15.40
C TYR A 134 10.94 -18.41 -15.15
N LYS A 135 10.12 -18.69 -16.15
CA LYS A 135 9.11 -19.74 -15.99
C LYS A 135 9.66 -21.11 -15.59
N ASP A 136 10.79 -21.53 -16.17
CA ASP A 136 11.30 -22.85 -15.84
C ASP A 136 11.70 -23.01 -14.38
N LEU A 137 12.05 -21.91 -13.71
CA LEU A 137 12.48 -21.92 -12.32
C LEU A 137 11.35 -22.04 -11.30
N LYS A 138 10.12 -21.80 -11.75
CA LYS A 138 8.95 -21.91 -10.89
C LYS A 138 9.19 -21.28 -9.51
N VAL A 139 9.60 -20.00 -9.52
CA VAL A 139 9.93 -19.33 -8.29
C VAL A 139 8.73 -18.94 -7.45
N GLY A 140 8.83 -19.18 -6.14
CA GLY A 140 7.79 -18.81 -5.18
C GLY A 140 8.37 -17.87 -4.12
N THR A 141 8.12 -18.15 -2.83
CA THR A 141 8.62 -17.28 -1.78
C THR A 141 10.13 -17.37 -1.62
N ASP A 142 10.75 -18.46 -2.09
CA ASP A 142 12.21 -18.59 -2.00
C ASP A 142 12.83 -18.03 -3.29
N ALA A 143 13.38 -16.83 -3.19
CA ALA A 143 13.97 -16.15 -4.33
C ALA A 143 15.39 -16.63 -4.71
N ALA A 144 16.00 -17.49 -3.88
CA ALA A 144 17.38 -17.90 -4.16
C ALA A 144 17.73 -18.37 -5.59
N PRO A 145 16.85 -19.13 -6.25
CA PRO A 145 17.14 -19.58 -7.62
C PRO A 145 17.39 -18.43 -8.60
N LEU A 146 16.90 -17.24 -8.26
CA LEU A 146 17.11 -16.10 -9.15
C LEU A 146 18.54 -15.60 -9.16
N LYS A 147 19.31 -15.95 -8.15
CA LYS A 147 20.69 -15.47 -8.07
C LYS A 147 21.52 -15.83 -9.34
N GLU A 148 21.56 -17.12 -9.67
CA GLU A 148 22.29 -17.56 -10.84
C GLU A 148 21.63 -17.07 -12.13
N ALA A 149 20.30 -16.95 -12.13
CA ALA A 149 19.61 -16.50 -13.34
C ALA A 149 19.85 -15.03 -13.64
N PHE A 150 19.84 -14.20 -12.59
CA PHE A 150 20.09 -12.77 -12.77
C PHE A 150 21.52 -12.53 -13.26
N ALA A 151 22.43 -13.42 -12.90
CA ALA A 151 23.82 -13.29 -13.33
C ALA A 151 23.96 -13.35 -14.86
N LYS A 152 23.00 -13.98 -15.52
CA LYS A 152 23.04 -14.07 -16.99
C LYS A 152 22.51 -12.79 -17.65
N VAL A 153 22.07 -11.83 -16.83
CA VAL A 153 21.51 -10.59 -17.33
C VAL A 153 22.46 -9.43 -17.07
N THR A 154 22.66 -8.55 -18.04
CA THR A 154 23.50 -7.38 -17.82
C THR A 154 22.65 -6.36 -17.04
N ASP A 155 23.14 -5.94 -15.88
CA ASP A 155 22.45 -4.98 -15.01
C ASP A 155 20.96 -5.23 -14.92
N PRO A 156 20.58 -6.36 -14.31
CA PRO A 156 19.17 -6.71 -14.16
C PRO A 156 18.45 -5.71 -13.28
N LYS A 157 17.26 -5.33 -13.71
CA LYS A 157 16.48 -4.38 -12.94
C LYS A 157 15.25 -5.06 -12.35
N VAL A 158 14.83 -4.59 -11.18
CA VAL A 158 13.57 -5.07 -10.62
C VAL A 158 12.76 -3.78 -10.39
N ALA A 159 11.48 -3.81 -10.75
CA ALA A 159 10.69 -2.59 -10.61
C ALA A 159 9.82 -2.55 -9.37
N MET A 160 9.76 -1.37 -8.77
CA MET A 160 8.92 -1.11 -7.61
C MET A 160 8.24 0.22 -7.89
N THR A 161 7.43 0.68 -6.94
CA THR A 161 6.55 1.80 -7.22
C THR A 161 6.92 3.19 -6.73
N PHE A 162 7.89 3.28 -5.85
CA PHE A 162 8.33 4.55 -5.28
C PHE A 162 9.47 4.20 -4.36
N PRO A 163 10.57 4.98 -4.38
CA PRO A 163 11.69 4.63 -3.48
C PRO A 163 11.35 4.78 -2.02
N GLY A 164 11.50 3.70 -1.26
CA GLY A 164 11.20 3.75 0.15
C GLY A 164 9.74 3.36 0.38
N GLY A 165 9.01 3.15 -0.70
CA GLY A 165 7.61 2.77 -0.55
C GLY A 165 7.39 1.33 -0.18
N THR A 166 6.13 0.93 -0.01
CA THR A 166 5.84 -0.45 0.37
C THR A 166 6.39 -1.50 -0.62
N HIS A 167 6.14 -1.36 -1.91
CA HIS A 167 6.59 -2.40 -2.85
C HIS A 167 8.09 -2.49 -2.92
N ASP A 168 8.77 -1.36 -2.79
CA ASP A 168 10.24 -1.36 -2.76
C ASP A 168 10.66 -2.22 -1.54
N MET A 169 10.02 -2.02 -0.38
CA MET A 169 10.37 -2.83 0.80
C MET A 169 10.03 -4.32 0.59
N TRP A 170 8.89 -4.61 -0.03
CA TRP A 170 8.53 -6.03 -0.20
C TRP A 170 9.48 -6.76 -1.15
N ILE A 171 9.72 -6.17 -2.32
CA ILE A 171 10.60 -6.86 -3.25
C ILE A 171 12.05 -6.95 -2.76
N ARG A 172 12.55 -5.92 -2.08
CA ARG A 172 13.90 -5.98 -1.52
C ARG A 172 13.95 -7.01 -0.42
N TYR A 173 12.90 -7.14 0.39
CA TYR A 173 12.90 -8.13 1.49
C TYR A 173 12.98 -9.55 0.92
N TRP A 174 12.18 -9.80 -0.11
CA TRP A 174 12.10 -11.11 -0.74
C TRP A 174 13.44 -11.47 -1.38
N LEU A 175 14.03 -10.52 -2.12
CA LEU A 175 15.30 -10.80 -2.81
C LEU A 175 16.42 -10.95 -1.80
N ALA A 176 16.41 -10.14 -0.75
CA ALA A 176 17.43 -10.27 0.27
C ALA A 176 17.33 -11.58 1.03
N ALA A 177 16.13 -12.06 1.32
CA ALA A 177 15.98 -13.34 2.03
C ALA A 177 16.58 -14.43 1.13
N GLY A 178 16.51 -14.20 -0.19
CA GLY A 178 17.08 -15.14 -1.15
C GLY A 178 18.58 -14.95 -1.43
N GLY A 179 19.24 -14.11 -0.63
CA GLY A 179 20.65 -13.86 -0.80
C GLY A 179 21.10 -12.87 -1.84
N MET A 180 20.18 -12.03 -2.36
CA MET A 180 20.56 -11.05 -3.39
C MET A 180 20.56 -9.65 -2.83
N GLU A 181 21.59 -8.89 -3.18
CA GLU A 181 21.75 -7.57 -2.65
C GLU A 181 21.56 -6.43 -3.62
N PRO A 182 20.72 -5.44 -3.27
CA PRO A 182 20.51 -4.31 -4.18
C PRO A 182 21.83 -3.60 -4.40
N GLY A 183 22.10 -3.23 -5.64
CA GLY A 183 23.34 -2.54 -5.97
C GLY A 183 24.45 -3.48 -6.38
N LYS A 184 24.26 -4.77 -6.14
CA LYS A 184 25.25 -5.78 -6.51
C LYS A 184 24.69 -6.84 -7.44
N ASP A 185 23.58 -7.46 -7.06
CA ASP A 185 22.97 -8.49 -7.89
C ASP A 185 21.83 -7.97 -8.78
N PHE A 186 21.30 -6.81 -8.43
CA PHE A 186 20.23 -6.18 -9.21
C PHE A 186 20.11 -4.74 -8.79
N SER A 187 19.40 -3.94 -9.57
CA SER A 187 19.15 -2.53 -9.26
C SER A 187 17.64 -2.35 -9.26
N THR A 188 17.14 -1.48 -8.39
CA THR A 188 15.72 -1.20 -8.37
C THR A 188 15.44 -0.01 -9.28
N ILE A 189 14.29 -0.03 -9.93
CA ILE A 189 13.85 1.09 -10.77
C ILE A 189 12.41 1.38 -10.38
N VAL A 190 11.96 2.61 -10.61
CA VAL A 190 10.58 2.99 -10.32
C VAL A 190 9.74 2.97 -11.57
N VAL A 191 8.57 2.32 -11.51
CA VAL A 191 7.62 2.31 -12.63
C VAL A 191 6.23 2.61 -12.01
N PRO A 192 5.47 3.55 -12.58
CA PRO A 192 4.12 3.84 -12.01
C PRO A 192 3.29 2.54 -12.03
N PRO A 193 2.48 2.31 -11.00
CA PRO A 193 1.68 1.09 -10.94
C PRO A 193 0.91 0.71 -12.19
N ALA A 194 0.20 1.67 -12.78
CA ALA A 194 -0.59 1.39 -13.95
C ALA A 194 0.24 1.15 -15.21
N GLN A 195 1.56 1.28 -15.09
CA GLN A 195 2.45 1.07 -16.23
C GLN A 195 3.34 -0.16 -16.06
N MET A 196 3.15 -0.91 -14.95
CA MET A 196 3.98 -2.10 -14.72
C MET A 196 3.81 -3.16 -15.81
N VAL A 197 2.56 -3.47 -16.17
CA VAL A 197 2.31 -4.49 -17.17
C VAL A 197 2.93 -4.08 -18.54
N ALA A 198 2.77 -2.82 -18.94
CA ALA A 198 3.34 -2.39 -20.24
C ALA A 198 4.85 -2.51 -20.23
N ASN A 199 5.46 -2.22 -19.08
CA ASN A 199 6.91 -2.31 -18.97
C ASN A 199 7.43 -3.74 -19.01
N VAL A 200 6.77 -4.68 -18.33
CA VAL A 200 7.29 -6.04 -18.37
C VAL A 200 7.16 -6.59 -19.79
N LYS A 201 6.16 -6.11 -20.51
CA LYS A 201 5.97 -6.52 -21.91
C LYS A 201 7.14 -6.15 -22.78
N VAL A 202 7.84 -5.06 -22.45
CA VAL A 202 9.00 -4.65 -23.26
C VAL A 202 10.32 -4.97 -22.55
N ASN A 203 10.26 -5.91 -21.61
CA ASN A 203 11.43 -6.35 -20.87
C ASN A 203 12.22 -5.23 -20.17
N ALA A 204 11.52 -4.28 -19.56
CA ALA A 204 12.17 -3.20 -18.86
C ALA A 204 12.73 -3.67 -17.51
N MET A 205 12.27 -4.82 -17.03
CA MET A 205 12.73 -5.35 -15.76
C MET A 205 12.49 -6.86 -15.71
N GLU A 206 13.22 -7.54 -14.82
CA GLU A 206 13.14 -9.00 -14.66
C GLU A 206 12.02 -9.41 -13.74
N SER A 207 11.73 -8.54 -12.77
CA SER A 207 10.73 -8.83 -11.73
C SER A 207 10.14 -7.49 -11.29
N PHE A 208 8.96 -7.54 -10.68
CA PHE A 208 8.33 -6.32 -10.21
C PHE A 208 7.33 -6.58 -9.10
N CYS A 209 7.07 -5.55 -8.31
CA CYS A 209 6.12 -5.64 -7.21
C CYS A 209 5.14 -4.49 -7.35
N VAL A 210 3.84 -4.80 -7.30
CA VAL A 210 2.78 -3.80 -7.51
C VAL A 210 1.48 -4.36 -6.92
N GLY A 211 0.54 -3.49 -6.57
CA GLY A 211 -0.71 -4.00 -6.02
C GLY A 211 -1.74 -4.41 -7.05
N GLU A 212 -2.77 -5.14 -6.58
CA GLU A 212 -3.84 -5.56 -7.47
C GLU A 212 -4.42 -4.29 -8.13
N PRO A 213 -5.01 -4.41 -9.31
CA PRO A 213 -5.22 -5.62 -10.11
C PRO A 213 -4.07 -6.04 -11.03
N TRP A 214 -2.92 -5.37 -10.94
CA TRP A 214 -1.88 -5.65 -11.92
C TRP A 214 -1.23 -7.02 -11.91
N PRO A 215 -1.11 -7.68 -10.72
CA PRO A 215 -0.51 -9.03 -10.72
C PRO A 215 -1.43 -9.97 -11.52
N LEU A 216 -2.73 -9.90 -11.29
CA LEU A 216 -3.62 -10.80 -12.02
C LEU A 216 -3.66 -10.43 -13.50
N GLN A 217 -3.59 -9.13 -13.83
CA GLN A 217 -3.62 -8.77 -15.23
C GLN A 217 -2.38 -9.34 -15.91
N THR A 218 -1.26 -9.34 -15.21
CA THR A 218 -0.02 -9.88 -15.77
C THR A 218 -0.22 -11.36 -16.16
N VAL A 219 -0.84 -12.11 -15.24
CA VAL A 219 -1.11 -13.54 -15.45
C VAL A 219 -2.11 -13.72 -16.61
N ASN A 220 -3.20 -12.97 -16.56
CA ASN A 220 -4.20 -13.14 -17.60
C ASN A 220 -3.73 -12.75 -18.98
N GLN A 221 -2.84 -11.76 -19.07
CA GLN A 221 -2.31 -11.37 -20.37
C GLN A 221 -1.18 -12.29 -20.82
N GLY A 222 -0.72 -13.15 -19.91
CA GLY A 222 0.36 -14.07 -20.22
C GLY A 222 1.71 -13.43 -20.42
N VAL A 223 1.94 -12.28 -19.78
CA VAL A 223 3.20 -11.59 -19.97
C VAL A 223 4.15 -11.73 -18.80
N GLY A 224 3.80 -12.64 -17.89
CA GLY A 224 4.64 -12.92 -16.73
C GLY A 224 3.89 -13.86 -15.82
N TYR A 225 4.52 -14.30 -14.74
CA TYR A 225 3.83 -15.13 -13.75
C TYR A 225 4.08 -14.57 -12.36
N GLN A 226 3.29 -15.03 -11.39
CA GLN A 226 3.39 -14.51 -10.04
C GLN A 226 4.12 -15.44 -9.12
N ALA A 227 5.11 -14.89 -8.42
CA ALA A 227 5.91 -15.66 -7.45
C ALA A 227 5.16 -15.79 -6.13
N LEU A 228 4.50 -14.72 -5.71
CA LEU A 228 3.76 -14.72 -4.45
C LEU A 228 2.87 -13.51 -4.37
N THR A 229 1.88 -13.59 -3.47
CA THR A 229 1.02 -12.47 -3.11
C THR A 229 1.59 -12.07 -1.74
N THR A 230 1.62 -10.77 -1.46
CA THR A 230 2.36 -10.31 -0.30
C THR A 230 1.95 -10.71 1.08
N GLY A 231 0.71 -11.16 1.25
CA GLY A 231 0.28 -11.67 2.54
C GLY A 231 1.04 -12.99 2.84
N GLN A 232 1.79 -13.51 1.84
CA GLN A 232 2.62 -14.69 2.04
C GLN A 232 3.99 -14.27 2.58
N LEU A 233 4.34 -12.99 2.42
CA LEU A 233 5.63 -12.47 2.91
C LEU A 233 5.48 -11.99 4.36
N TRP A 234 4.37 -11.32 4.65
CA TRP A 234 4.04 -10.81 5.97
C TRP A 234 2.53 -10.90 6.11
N LYS A 235 2.06 -11.82 6.96
CA LYS A 235 0.62 -11.98 7.11
C LYS A 235 -0.08 -10.71 7.58
N ASP A 236 -1.16 -10.36 6.89
CA ASP A 236 -1.97 -9.19 7.19
C ASP A 236 -1.08 -7.95 7.31
N HIS A 237 -0.18 -7.82 6.34
CA HIS A 237 0.77 -6.70 6.38
C HIS A 237 0.13 -5.36 6.08
N PRO A 238 0.56 -4.32 6.79
CA PRO A 238 0.01 -2.97 6.55
C PRO A 238 0.42 -2.59 5.12
N GLU A 239 -0.43 -1.84 4.42
CA GLU A 239 -0.11 -1.44 3.04
C GLU A 239 -0.44 0.01 2.78
N LYS A 240 -1.61 0.32 2.24
CA LYS A 240 -1.95 1.72 1.99
C LYS A 240 -2.48 2.43 3.20
N ALA A 241 -2.31 3.74 3.19
CA ALA A 241 -2.78 4.61 4.25
C ALA A 241 -3.70 5.67 3.65
N PHE A 242 -4.57 6.21 4.50
CA PHE A 242 -5.36 7.36 4.10
C PHE A 242 -4.56 8.51 4.75
N GLY A 243 -3.81 9.20 3.89
CA GLY A 243 -3.00 10.30 4.40
C GLY A 243 -3.52 11.66 3.99
N MET A 244 -3.31 12.66 4.83
CA MET A 244 -3.72 14.01 4.49
C MET A 244 -2.69 15.04 4.93
N ARG A 245 -2.66 16.18 4.26
CA ARG A 245 -1.79 17.28 4.68
C ARG A 245 -2.22 17.68 6.09
N ALA A 246 -1.25 17.90 6.97
CA ALA A 246 -1.57 18.28 8.32
C ALA A 246 -2.19 19.66 8.41
N ASP A 247 -1.81 20.56 7.51
CA ASP A 247 -2.39 21.91 7.57
C ASP A 247 -3.91 21.85 7.30
N TRP A 248 -4.33 21.02 6.37
CA TRP A 248 -5.75 20.92 6.07
C TRP A 248 -6.50 20.27 7.26
N VAL A 249 -5.95 19.21 7.85
CA VAL A 249 -6.59 18.58 8.99
C VAL A 249 -6.66 19.50 10.21
N ASP A 250 -5.59 20.24 10.46
CA ASP A 250 -5.53 21.13 11.64
C ASP A 250 -6.51 22.29 11.45
N GLN A 251 -6.70 22.72 10.21
CA GLN A 251 -7.63 23.83 9.95
C GLN A 251 -9.08 23.40 9.89
N ASN A 252 -9.29 22.19 9.41
CA ASN A 252 -10.63 21.62 9.22
C ASN A 252 -10.83 20.30 10.00
N PRO A 253 -10.72 20.34 11.34
CA PRO A 253 -10.89 19.12 12.12
C PRO A 253 -12.23 18.40 12.01
N LYS A 254 -13.30 19.18 11.86
CA LYS A 254 -14.60 18.55 11.75
C LYS A 254 -14.77 17.86 10.38
N ALA A 255 -14.25 18.48 9.32
CA ALA A 255 -14.33 17.89 7.99
C ALA A 255 -13.42 16.66 7.94
N ALA A 256 -12.27 16.72 8.61
CA ALA A 256 -11.39 15.55 8.61
C ALA A 256 -12.05 14.37 9.33
N LYS A 257 -12.84 14.65 10.37
CA LYS A 257 -13.54 13.58 11.08
C LYS A 257 -14.64 13.01 10.16
N ALA A 258 -15.30 13.90 9.44
CA ALA A 258 -16.36 13.49 8.53
C ALA A 258 -15.80 12.62 7.40
N LEU A 259 -14.66 13.00 6.83
CA LEU A 259 -14.05 12.18 5.77
C LEU A 259 -13.66 10.81 6.32
N LEU A 260 -13.07 10.78 7.53
CA LEU A 260 -12.63 9.53 8.13
C LEU A 260 -13.80 8.60 8.36
N MET A 261 -14.91 9.12 8.88
CA MET A 261 -16.06 8.25 9.12
C MET A 261 -16.60 7.73 7.77
N ALA A 262 -16.61 8.57 6.75
CA ALA A 262 -17.09 8.13 5.43
C ALA A 262 -16.18 7.01 4.90
N VAL A 263 -14.86 7.18 5.07
CA VAL A 263 -13.93 6.15 4.61
C VAL A 263 -14.10 4.84 5.40
N MET A 264 -14.31 4.92 6.71
CA MET A 264 -14.52 3.73 7.51
C MET A 264 -15.77 2.96 7.08
N GLU A 265 -16.86 3.69 6.83
CA GLU A 265 -18.07 2.99 6.39
C GLU A 265 -17.82 2.38 5.01
N ALA A 266 -17.08 3.08 4.15
CA ALA A 266 -16.81 2.51 2.83
C ALA A 266 -15.95 1.27 2.98
N GLN A 267 -15.02 1.29 3.94
CA GLN A 267 -14.18 0.12 4.18
C GLN A 267 -15.00 -1.10 4.61
N GLN A 268 -15.98 -0.86 5.51
CA GLN A 268 -16.84 -1.93 5.97
C GLN A 268 -17.66 -2.50 4.81
N TRP A 269 -18.10 -1.60 3.94
CA TRP A 269 -18.88 -2.02 2.77
C TRP A 269 -18.02 -2.85 1.82
N CYS A 270 -16.83 -2.35 1.49
CA CYS A 270 -15.94 -3.07 0.60
C CYS A 270 -15.46 -4.42 1.14
N ASP A 271 -15.38 -4.55 2.45
CA ASP A 271 -14.91 -5.78 3.06
C ASP A 271 -15.90 -6.94 3.04
N GLN A 272 -17.17 -6.68 2.73
CA GLN A 272 -18.16 -7.74 2.72
C GLN A 272 -18.14 -8.60 1.44
N ALA A 273 -18.15 -9.93 1.61
CA ALA A 273 -18.16 -10.84 0.46
C ALA A 273 -19.31 -10.51 -0.48
N GLU A 274 -20.48 -10.21 0.08
CA GLU A 274 -21.63 -9.90 -0.77
C GLU A 274 -21.48 -8.62 -1.57
N ASN A 275 -20.49 -7.79 -1.28
CA ASN A 275 -20.34 -6.55 -2.07
C ASN A 275 -19.16 -6.57 -3.01
N LYS A 276 -18.40 -7.66 -3.03
CA LYS A 276 -17.21 -7.69 -3.89
C LYS A 276 -17.52 -7.58 -5.38
N GLU A 277 -18.61 -8.22 -5.83
CA GLU A 277 -18.96 -8.13 -7.25
C GLU A 277 -19.23 -6.68 -7.65
N GLU A 278 -20.12 -6.04 -6.89
CA GLU A 278 -20.46 -4.67 -7.16
C GLU A 278 -19.23 -3.76 -7.06
N MET A 279 -18.40 -3.98 -6.05
CA MET A 279 -17.20 -3.16 -5.89
C MET A 279 -16.35 -3.21 -7.16
N CYS A 280 -16.11 -4.42 -7.65
CA CYS A 280 -15.28 -4.60 -8.81
C CYS A 280 -15.94 -4.08 -10.09
N GLN A 281 -17.26 -4.17 -10.20
CA GLN A 281 -17.92 -3.58 -11.38
C GLN A 281 -17.66 -2.07 -11.40
N ILE A 282 -17.76 -1.44 -10.22
CA ILE A 282 -17.52 -0.02 -10.08
C ILE A 282 -16.08 0.30 -10.42
N LEU A 283 -15.13 -0.42 -9.83
CA LEU A 283 -13.72 -0.12 -10.12
C LEU A 283 -13.36 -0.31 -11.60
N SER A 284 -14.02 -1.27 -12.25
CA SER A 284 -13.72 -1.58 -13.63
C SER A 284 -14.09 -0.49 -14.65
N LYS A 285 -15.09 0.31 -14.29
CA LYS A 285 -15.63 1.34 -15.17
C LYS A 285 -14.61 2.33 -15.67
N ARG A 286 -14.89 2.89 -16.84
CA ARG A 286 -14.02 3.87 -17.45
C ARG A 286 -13.85 5.06 -16.51
N GLU A 287 -14.85 5.29 -15.66
CA GLU A 287 -14.83 6.39 -14.70
C GLU A 287 -13.67 6.22 -13.70
N TRP A 288 -13.29 4.96 -13.45
CA TRP A 288 -12.27 4.65 -12.47
C TRP A 288 -10.99 3.96 -13.01
N PHE A 289 -10.91 2.64 -12.99
CA PHE A 289 -9.66 1.99 -13.46
C PHE A 289 -9.63 1.73 -14.96
N LYS A 290 -10.79 1.55 -15.59
CA LYS A 290 -10.85 1.19 -17.00
C LYS A 290 -9.98 -0.09 -17.19
N VAL A 291 -10.30 -1.10 -16.38
CA VAL A 291 -9.61 -2.38 -16.35
C VAL A 291 -10.66 -3.50 -16.44
N PRO A 292 -10.41 -4.55 -17.24
CA PRO A 292 -11.41 -5.63 -17.34
C PRO A 292 -11.80 -6.15 -15.95
N PHE A 293 -13.10 -6.39 -15.74
CA PHE A 293 -13.63 -6.95 -14.48
C PHE A 293 -12.88 -8.24 -14.09
N GLU A 294 -12.55 -9.04 -15.10
CA GLU A 294 -11.83 -10.31 -14.91
C GLU A 294 -10.43 -10.19 -14.29
N ASP A 295 -9.83 -9.03 -14.39
CA ASP A 295 -8.51 -8.83 -13.82
C ASP A 295 -8.63 -8.36 -12.38
N ILE A 296 -9.85 -8.09 -11.91
CA ILE A 296 -10.04 -7.59 -10.55
C ILE A 296 -10.78 -8.55 -9.62
N ILE A 297 -11.88 -9.12 -10.11
CA ILE A 297 -12.74 -9.93 -9.24
C ILE A 297 -12.13 -11.12 -8.53
N ASP A 298 -11.38 -11.96 -9.24
CA ASP A 298 -10.88 -13.15 -8.56
C ASP A 298 -10.03 -12.85 -7.32
N ARG A 299 -9.11 -11.89 -7.43
CA ARG A 299 -8.27 -11.60 -6.28
C ARG A 299 -9.05 -10.98 -5.13
N SER A 300 -10.09 -10.19 -5.46
CA SER A 300 -10.97 -9.57 -4.48
C SER A 300 -11.84 -10.61 -3.73
N LYS A 301 -11.75 -11.87 -4.17
CA LYS A 301 -12.46 -13.00 -3.54
C LYS A 301 -11.45 -14.02 -3.02
N GLY A 302 -10.16 -13.69 -3.08
CA GLY A 302 -9.15 -14.61 -2.57
C GLY A 302 -8.88 -15.81 -3.45
N ILE A 303 -9.21 -15.70 -4.74
CA ILE A 303 -8.97 -16.78 -5.69
C ILE A 303 -7.68 -16.44 -6.42
N TYR A 304 -6.67 -17.30 -6.27
CA TYR A 304 -5.37 -17.04 -6.85
C TYR A 304 -4.83 -17.91 -7.96
N ASN A 305 -4.71 -17.35 -9.15
CA ASN A 305 -4.07 -18.04 -10.27
C ASN A 305 -2.76 -17.27 -10.50
N PHE A 306 -1.64 -17.91 -10.17
CA PHE A 306 -0.32 -17.31 -10.32
C PHE A 306 0.29 -17.56 -11.72
N GLY A 307 -0.41 -18.31 -12.58
CA GLY A 307 0.13 -18.56 -13.91
C GLY A 307 1.20 -19.63 -13.93
N ASN A 308 1.88 -19.74 -15.07
CA ASN A 308 2.96 -20.71 -15.22
C ASN A 308 2.55 -22.13 -14.89
N GLY A 309 1.32 -22.47 -15.23
CA GLY A 309 0.83 -23.82 -15.00
C GLY A 309 0.49 -24.20 -13.59
N GLN A 310 0.74 -23.30 -12.65
CA GLN A 310 0.46 -23.56 -11.24
C GLN A 310 -1.04 -23.66 -11.02
N GLU A 311 -1.47 -24.67 -10.28
CA GLU A 311 -2.89 -24.83 -10.01
C GLU A 311 -3.46 -23.66 -9.22
N THR A 312 -4.67 -23.23 -9.59
CA THR A 312 -5.35 -22.13 -8.91
C THR A 312 -5.74 -22.59 -7.51
N PHE A 313 -5.62 -21.70 -6.52
CA PHE A 313 -5.96 -22.02 -5.13
C PHE A 313 -6.75 -20.86 -4.53
N GLU A 314 -7.47 -21.12 -3.44
CA GLU A 314 -8.23 -20.09 -2.75
C GLU A 314 -7.65 -19.88 -1.36
N ASP A 315 -7.54 -18.62 -0.93
CA ASP A 315 -7.05 -18.30 0.40
C ASP A 315 -7.61 -16.96 0.84
N GLN A 316 -8.69 -16.99 1.61
CA GLN A 316 -9.35 -15.79 2.09
C GLN A 316 -8.57 -15.00 3.13
N GLU A 317 -7.56 -15.64 3.73
CA GLU A 317 -6.82 -14.93 4.75
C GLU A 317 -5.73 -14.03 4.23
N ILE A 318 -5.20 -14.33 3.04
CA ILE A 318 -4.13 -13.49 2.45
C ILE A 318 -4.65 -12.44 1.47
N MET A 319 -5.94 -12.43 1.21
CA MET A 319 -6.51 -11.43 0.29
C MET A 319 -6.55 -10.02 0.91
N GLN A 320 -6.79 -9.00 0.09
CA GLN A 320 -6.89 -7.64 0.61
C GLN A 320 -8.05 -7.55 1.62
N LYS A 321 -7.79 -6.93 2.74
CA LYS A 321 -8.79 -6.73 3.79
C LYS A 321 -8.81 -5.24 4.11
N TYR A 322 -10.01 -4.72 4.31
CA TYR A 322 -10.24 -3.30 4.57
C TYR A 322 -10.83 -3.04 5.95
N TRP A 323 -11.24 -4.10 6.64
CA TRP A 323 -11.86 -3.89 7.94
C TRP A 323 -11.65 -5.05 8.89
N VAL A 324 -11.87 -6.29 8.44
CA VAL A 324 -11.68 -7.45 9.31
C VAL A 324 -10.24 -7.52 9.83
N ASP A 325 -10.05 -8.13 11.00
CA ASP A 325 -8.73 -8.27 11.58
C ASP A 325 -8.06 -6.90 11.82
N ASN A 326 -8.87 -5.92 12.25
CA ASN A 326 -8.39 -4.57 12.56
C ASN A 326 -7.63 -3.90 11.43
N ALA A 327 -7.89 -4.32 10.20
CA ALA A 327 -7.18 -3.78 9.03
C ALA A 327 -7.09 -2.26 8.89
N SER A 328 -8.17 -1.57 9.24
CA SER A 328 -8.23 -0.14 9.12
C SER A 328 -7.47 0.61 10.22
N TYR A 329 -7.34 0.00 11.40
CA TYR A 329 -6.65 0.70 12.49
C TYR A 329 -5.17 0.88 12.13
N PRO A 330 -4.70 2.14 12.11
CA PRO A 330 -3.29 2.41 11.73
C PRO A 330 -2.33 2.21 12.89
N TYR A 331 -1.90 0.97 13.05
CA TYR A 331 -0.97 0.65 14.13
C TYR A 331 0.34 1.45 14.00
N LYS A 332 0.71 2.10 15.09
CA LYS A 332 1.99 2.82 15.11
C LYS A 332 3.17 1.84 14.97
N SER A 333 3.05 0.61 15.46
CA SER A 333 4.15 -0.35 15.35
C SER A 333 4.42 -0.66 13.88
N HIS A 334 3.36 -0.63 13.06
CA HIS A 334 3.52 -0.87 11.62
C HIS A 334 4.27 0.30 10.96
N ASP A 335 3.87 1.52 11.28
CA ASP A 335 4.60 2.68 10.74
C ASP A 335 6.08 2.59 11.16
N GLN A 336 6.34 2.18 12.41
CA GLN A 336 7.71 2.05 12.91
C GLN A 336 8.48 1.01 12.09
N TRP A 337 7.82 -0.08 11.71
CA TRP A 337 8.55 -1.05 10.87
C TRP A 337 8.94 -0.42 9.53
N PHE A 338 8.02 0.28 8.86
CA PHE A 338 8.41 0.87 7.59
C PHE A 338 9.60 1.81 7.72
N LEU A 339 9.65 2.58 8.79
CA LEU A 339 10.77 3.49 8.96
C LEU A 339 12.05 2.71 9.23
N THR A 340 11.92 1.60 9.95
CA THR A 340 13.08 0.75 10.26
C THR A 340 13.61 0.11 8.96
N GLU A 341 12.72 -0.32 8.07
CA GLU A 341 13.11 -0.93 6.79
C GLU A 341 13.72 0.15 5.90
N ASN A 342 13.22 1.39 6.01
CA ASN A 342 13.81 2.47 5.22
C ASN A 342 15.24 2.71 5.77
N ILE A 343 15.43 2.57 7.07
CA ILE A 343 16.79 2.70 7.62
C ILE A 343 17.63 1.52 7.10
N ARG A 344 17.05 0.32 7.04
CA ARG A 344 17.78 -0.85 6.53
C ARG A 344 18.47 -0.57 5.21
N TRP A 345 17.78 0.12 4.32
CA TRP A 345 18.30 0.39 2.99
C TRP A 345 18.94 1.75 2.81
N GLY A 346 19.03 2.54 3.87
CA GLY A 346 19.68 3.84 3.77
C GLY A 346 18.83 4.98 3.27
N TYR A 347 17.52 4.80 3.19
CA TYR A 347 16.64 5.89 2.77
C TYR A 347 16.47 6.93 3.86
N LEU A 348 16.63 6.52 5.12
CA LEU A 348 16.53 7.43 6.26
C LEU A 348 17.79 7.27 7.11
N PRO A 349 18.18 8.33 7.82
CA PRO A 349 19.38 8.25 8.67
C PRO A 349 19.24 7.17 9.74
N ALA A 350 20.34 6.46 10.03
CA ALA A 350 20.33 5.43 11.05
C ALA A 350 20.01 6.07 12.40
N SER A 351 19.46 5.32 13.32
CA SER A 351 19.16 5.95 14.60
C SER A 351 17.99 7.00 14.57
N THR A 352 17.60 7.55 13.41
CA THR A 352 16.41 8.43 13.32
C THR A 352 15.52 8.01 14.48
N ASP A 353 14.88 8.94 15.19
CA ASP A 353 14.00 8.59 16.30
C ASP A 353 12.66 8.20 15.66
N THR A 354 12.51 6.93 15.29
CA THR A 354 11.29 6.50 14.61
C THR A 354 10.03 6.60 15.48
N LYS A 355 10.13 6.28 16.76
CA LYS A 355 8.95 6.37 17.64
C LYS A 355 8.45 7.81 17.67
N ALA A 356 9.40 8.75 17.73
CA ALA A 356 9.01 10.15 17.82
C ALA A 356 8.25 10.66 16.61
N ILE A 357 8.74 10.39 15.40
CA ILE A 357 8.04 10.90 14.22
C ILE A 357 6.73 10.16 14.03
N VAL A 358 6.66 8.89 14.40
CA VAL A 358 5.39 8.18 14.28
C VAL A 358 4.38 8.82 15.24
N ASP A 359 4.80 9.28 16.42
CA ASP A 359 3.83 9.88 17.33
C ASP A 359 3.29 11.22 16.80
N LYS A 360 3.99 11.83 15.85
CA LYS A 360 3.53 13.08 15.25
C LYS A 360 2.66 12.86 14.00
N VAL A 361 3.06 11.93 13.14
CA VAL A 361 2.32 11.66 11.90
C VAL A 361 1.11 10.74 12.02
N ASN A 362 1.25 9.69 12.82
CA ASN A 362 0.18 8.72 12.98
C ASN A 362 -0.93 9.29 13.86
N ARG A 363 -2.15 9.32 13.31
CA ARG A 363 -3.26 9.85 14.08
C ARG A 363 -4.29 8.79 14.42
N GLU A 364 -3.78 7.69 14.98
CA GLU A 364 -4.69 6.61 15.45
C GLU A 364 -5.68 7.19 16.46
N ASP A 365 -5.33 8.30 17.11
CA ASP A 365 -6.25 8.95 18.06
C ASP A 365 -7.49 9.45 17.30
N LEU A 366 -7.32 10.04 16.11
CA LEU A 366 -8.45 10.48 15.29
C LEU A 366 -9.24 9.25 14.82
N TRP A 367 -8.56 8.14 14.54
CA TRP A 367 -9.25 6.95 14.11
C TRP A 367 -10.16 6.44 15.23
N ARG A 368 -9.63 6.36 16.45
CA ARG A 368 -10.47 5.91 17.58
C ARG A 368 -11.64 6.85 17.83
N GLU A 369 -11.45 8.16 17.67
CA GLU A 369 -12.57 9.08 17.89
C GLU A 369 -13.65 8.86 16.84
N ALA A 370 -13.25 8.62 15.60
CA ALA A 370 -14.24 8.37 14.56
C ALA A 370 -14.94 7.04 14.75
N ALA A 371 -14.20 6.00 15.12
CA ALA A 371 -14.83 4.69 15.30
C ALA A 371 -15.81 4.72 16.48
N GLN A 372 -15.49 5.51 17.50
CA GLN A 372 -16.35 5.63 18.67
C GLN A 372 -17.64 6.33 18.26
N ALA A 373 -17.52 7.40 17.48
CA ALA A 373 -18.69 8.14 17.01
C ALA A 373 -19.60 7.17 16.25
N LEU A 374 -19.02 6.32 15.41
CA LEU A 374 -19.78 5.30 14.68
C LEU A 374 -19.94 4.15 15.67
N GLU A 375 -20.28 2.94 15.22
CA GLU A 375 -20.33 1.85 16.20
C GLU A 375 -18.93 1.26 16.29
N VAL A 376 -18.62 0.38 15.35
CA VAL A 376 -17.31 -0.26 15.32
C VAL A 376 -17.04 -1.07 16.57
N PRO A 377 -18.07 -1.74 17.09
CA PRO A 377 -18.00 -2.57 18.30
C PRO A 377 -16.64 -2.52 19.03
N ALA A 378 -16.70 -2.43 20.35
CA ALA A 378 -15.48 -2.33 21.16
C ALA A 378 -14.34 -3.29 20.83
N ASP A 379 -14.69 -4.54 20.52
CA ASP A 379 -13.65 -5.52 20.25
C ASP A 379 -12.97 -5.32 18.92
N GLN A 380 -13.49 -4.39 18.13
CA GLN A 380 -12.92 -4.07 16.83
C GLN A 380 -12.05 -2.82 16.90
N ILE A 381 -11.93 -2.25 18.09
CA ILE A 381 -11.09 -1.07 18.32
C ILE A 381 -9.90 -1.52 19.18
N PRO A 382 -8.71 -1.62 18.59
CA PRO A 382 -7.51 -2.05 19.33
C PRO A 382 -7.22 -1.23 20.59
N SER A 383 -6.80 -1.94 21.64
CA SER A 383 -6.48 -1.36 22.94
C SER A 383 -5.08 -0.78 22.98
N SER A 384 -4.27 -1.09 21.98
CA SER A 384 -2.92 -0.54 21.97
C SER A 384 -2.48 -0.20 20.55
N PRO A 385 -1.58 0.77 20.41
CA PRO A 385 -1.08 1.17 19.09
C PRO A 385 -0.09 0.20 18.52
N SER A 386 0.20 -0.88 19.23
CA SER A 386 1.12 -1.90 18.69
C SER A 386 0.38 -3.17 18.40
N ARG A 387 0.66 -3.78 17.25
CA ARG A 387 0.04 -5.05 16.94
C ARG A 387 0.94 -6.15 17.49
N GLY A 388 2.01 -5.76 18.18
CA GLY A 388 2.90 -6.76 18.77
C GLY A 388 4.02 -7.22 17.85
N ILE A 389 4.60 -8.36 18.18
CA ILE A 389 5.68 -8.91 17.38
C ILE A 389 5.15 -9.34 16.01
N GLU A 390 5.90 -9.00 14.96
CA GLU A 390 5.58 -9.35 13.59
C GLU A 390 6.53 -10.42 13.11
N THR A 391 6.00 -11.45 12.45
CA THR A 391 6.84 -12.53 11.93
C THR A 391 6.78 -12.57 10.40
N PHE A 392 7.92 -12.43 9.75
CA PHE A 392 8.04 -12.48 8.30
C PHE A 392 8.16 -13.93 7.83
N PHE A 393 7.94 -14.15 6.54
CA PHE A 393 7.91 -15.53 6.02
C PHE A 393 9.19 -16.30 6.24
N ASP A 394 10.30 -15.60 6.43
CA ASP A 394 11.59 -16.23 6.65
C ASP A 394 11.89 -16.45 8.14
N GLY A 395 10.89 -16.19 8.97
CA GLY A 395 11.01 -16.40 10.40
C GLY A 395 11.64 -15.25 11.15
N ILE A 396 12.14 -14.23 10.44
CA ILE A 396 12.73 -13.06 11.07
C ILE A 396 11.57 -12.34 11.74
N THR A 397 11.81 -11.85 12.95
CA THR A 397 10.78 -11.20 13.72
C THR A 397 11.12 -9.75 14.03
N PHE A 398 10.10 -8.91 14.09
CA PHE A 398 10.23 -7.49 14.43
C PHE A 398 9.50 -7.25 15.73
N ASP A 399 10.26 -6.90 16.77
CA ASP A 399 9.70 -6.59 18.07
C ASP A 399 9.75 -5.09 18.10
N PRO A 400 8.57 -4.43 18.09
CA PRO A 400 8.56 -2.96 18.12
C PRO A 400 9.34 -2.33 19.29
N GLU A 401 9.50 -3.08 20.39
CA GLU A 401 10.26 -2.55 21.53
C GLU A 401 11.77 -2.55 21.29
N ASN A 402 12.25 -3.17 20.21
CA ASN A 402 13.69 -3.16 19.91
C ASN A 402 13.94 -3.27 18.41
N PRO A 403 13.75 -2.16 17.67
CA PRO A 403 14.00 -2.22 16.23
C PRO A 403 15.45 -2.50 15.85
N GLN A 404 16.38 -2.06 16.70
CA GLN A 404 17.78 -2.32 16.38
C GLN A 404 18.06 -3.83 16.35
N ALA A 405 17.44 -4.61 17.24
CA ALA A 405 17.67 -6.06 17.25
C ALA A 405 17.16 -6.66 15.93
N TYR A 406 16.06 -6.11 15.41
CA TYR A 406 15.54 -6.58 14.14
C TYR A 406 16.60 -6.33 13.05
N LEU A 407 17.13 -5.10 12.97
CA LEU A 407 18.14 -4.83 11.96
C LEU A 407 19.38 -5.72 12.15
N ASP A 408 19.75 -5.95 13.41
CA ASP A 408 20.91 -6.78 13.66
C ASP A 408 20.72 -8.21 13.20
N SER A 409 19.48 -8.66 13.10
CA SER A 409 19.17 -10.01 12.66
C SER A 409 19.18 -10.16 11.13
N LEU A 410 19.27 -9.05 10.39
CA LEU A 410 19.25 -9.14 8.94
C LEU A 410 20.66 -9.21 8.38
N LYS A 411 20.87 -10.12 7.44
CA LYS A 411 22.20 -10.29 6.84
C LYS A 411 22.56 -9.19 5.82
N ILE A 412 21.63 -8.90 4.91
CA ILE A 412 21.89 -7.90 3.87
C ILE A 412 21.20 -6.58 4.21
N NO3 B . 0.77 -0.26 -5.89
O1 NO3 B . -0.07 -1.00 -5.11
O2 NO3 B . 1.38 -0.56 -7.06
O3 NO3 B . 1.14 1.11 -5.35
#